data_1OCX
#
_entry.id   1OCX
#
_cell.length_a   64.623
_cell.length_b   106.238
_cell.length_c   175.433
_cell.angle_alpha   90.00
_cell.angle_beta   90.00
_cell.angle_gamma   90.00
#
_symmetry.space_group_name_H-M   'C 2 2 21'
#
loop_
_entity.id
_entity.type
_entity.pdbx_description
1 polymer 'MALTOSE O-ACETYLTRANSFERASE'
2 non-polymer 'TRIMETHYL LEAD ION'
3 water water
#
_entity_poly.entity_id   1
_entity_poly.type   'polypeptide(L)'
_entity_poly.pdbx_seq_one_letter_code
;STEKEKMIAGELYRSADETLSRDRLRARQLIHRYNHSLAEEHTLRQQILADLFGQVTEAYIEPTFRCDYGYNIFLGNNFF
ANFDCVMLDVCPIRIGDNCMLAPGVHIYTATHPIDPVARNSGAELGKPVTIGNNVWIGGRAVINPGVTIGDNVVVASGAV
VTKDVPDNVVVGGNPARIIKKL
;
_entity_poly.pdbx_strand_id   A,B,C
#
loop_
_chem_comp.id
_chem_comp.type
_chem_comp.name
_chem_comp.formula
PBM non-polymer 'TRIMETHYL LEAD ION' 'C3 H9 Pb 1'
#
# COMPACT_ATOMS: atom_id res chain seq x y z
N SER A 1 -37.26 -0.76 5.68
CA SER A 1 -35.87 -1.09 5.23
C SER A 1 -35.08 -1.64 6.39
N THR A 2 -34.55 -2.86 6.25
CA THR A 2 -33.51 -3.33 7.17
C THR A 2 -32.31 -2.42 6.91
N GLU A 3 -31.51 -2.14 7.94
CA GLU A 3 -30.30 -1.35 7.78
C GLU A 3 -29.50 -1.85 6.57
N LYS A 4 -29.49 -3.16 6.39
CA LYS A 4 -28.84 -3.79 5.25
C LYS A 4 -29.37 -3.23 3.93
N GLU A 5 -30.68 -3.14 3.80
CA GLU A 5 -31.24 -2.63 2.57
C GLU A 5 -30.78 -1.19 2.36
N LYS A 6 -30.76 -0.40 3.42
CA LYS A 6 -30.28 0.97 3.34
C LYS A 6 -28.79 1.07 2.93
N MET A 7 -27.98 0.20 3.51
CA MET A 7 -26.55 0.20 3.25
C MET A 7 -26.32 -0.03 1.76
N ILE A 8 -26.91 -1.11 1.28
CA ILE A 8 -26.78 -1.52 -0.10
C ILE A 8 -27.31 -0.47 -1.07
N ALA A 9 -28.39 0.21 -0.70
CA ALA A 9 -28.97 1.19 -1.60
C ALA A 9 -28.27 2.54 -1.52
N GLY A 10 -27.23 2.64 -0.70
CA GLY A 10 -26.48 3.87 -0.61
C GLY A 10 -27.19 4.91 0.23
N GLU A 11 -27.93 4.45 1.24
CA GLU A 11 -28.57 5.37 2.15
C GLU A 11 -27.86 5.28 3.48
N LEU A 12 -28.09 6.28 4.34
CA LEU A 12 -27.52 6.30 5.68
C LEU A 12 -27.92 5.01 6.36
N TYR A 13 -26.97 4.36 7.01
CA TYR A 13 -27.24 3.07 7.64
C TYR A 13 -26.47 2.96 8.94
N ARG A 14 -26.78 1.93 9.72
CA ARG A 14 -26.09 1.72 10.98
C ARG A 14 -25.34 0.41 10.89
N SER A 15 -24.01 0.48 10.89
CA SER A 15 -23.17 -0.70 10.75
C SER A 15 -23.28 -1.63 11.96
N ALA A 16 -23.48 -1.06 13.15
CA ALA A 16 -23.57 -1.88 14.36
C ALA A 16 -24.71 -2.91 14.30
N ASP A 17 -25.58 -2.79 13.30
CA ASP A 17 -26.69 -3.74 13.06
C ASP A 17 -26.23 -5.19 13.07
N GLU A 18 -26.95 -5.98 13.86
CA GLU A 18 -26.67 -7.40 14.13
C GLU A 18 -26.50 -8.27 12.88
N THR A 19 -27.42 -8.21 11.93
CA THR A 19 -27.21 -9.00 10.72
C THR A 19 -25.94 -8.52 10.02
N LEU A 20 -25.78 -7.21 9.88
CA LEU A 20 -24.57 -6.68 9.22
C LEU A 20 -23.35 -7.16 9.93
N SER A 21 -23.42 -7.15 11.26
CA SER A 21 -22.28 -7.52 12.08
C SER A 21 -22.00 -8.98 11.86
N ARG A 22 -23.06 -9.77 11.88
CA ARG A 22 -22.93 -11.17 11.57
C ARG A 22 -22.42 -11.28 10.14
N ASP A 23 -22.96 -10.50 9.21
CA ASP A 23 -22.52 -10.61 7.83
C ASP A 23 -21.02 -10.32 7.66
N ARG A 24 -20.52 -9.30 8.34
CA ARG A 24 -19.11 -8.97 8.27
C ARG A 24 -18.30 -10.09 8.90
N LEU A 25 -18.85 -10.70 9.94
CA LEU A 25 -18.13 -11.77 10.64
C LEU A 25 -18.02 -12.97 9.71
N ARG A 26 -19.13 -13.32 9.06
CA ARG A 26 -19.11 -14.40 8.10
C ARG A 26 -18.05 -14.13 7.03
N ALA A 27 -18.02 -12.90 6.50
CA ALA A 27 -17.07 -12.54 5.45
C ALA A 27 -15.64 -12.70 5.92
N ARG A 28 -15.40 -12.27 7.15
CA ARG A 28 -14.07 -12.36 7.73
C ARG A 28 -13.68 -13.82 7.79
N GLN A 29 -14.58 -14.67 8.24
CA GLN A 29 -14.28 -16.09 8.33
C GLN A 29 -13.89 -16.64 6.97
N LEU A 30 -14.66 -16.33 5.94
CA LEU A 30 -14.37 -16.83 4.61
C LEU A 30 -13.08 -16.27 4.06
N ILE A 31 -12.87 -14.96 4.22
CA ILE A 31 -11.66 -14.32 3.73
C ILE A 31 -10.45 -14.97 4.39
N HIS A 32 -10.52 -15.13 5.71
CA HIS A 32 -9.43 -15.73 6.47
C HIS A 32 -9.09 -17.09 5.92
N ARG A 33 -10.12 -17.88 5.63
CA ARG A 33 -9.92 -19.22 5.13
C ARG A 33 -9.31 -19.16 3.73
N TYR A 34 -9.79 -18.23 2.92
CA TYR A 34 -9.22 -18.04 1.60
C TYR A 34 -7.73 -17.69 1.71
N ASN A 35 -7.44 -16.72 2.56
CA ASN A 35 -6.08 -16.21 2.66
C ASN A 35 -5.06 -17.20 3.17
N HIS A 36 -5.48 -18.15 4.01
CA HIS A 36 -4.54 -19.14 4.53
C HIS A 36 -4.53 -20.44 3.73
N SER A 37 -5.39 -20.52 2.72
CA SER A 37 -5.47 -21.73 1.89
C SER A 37 -4.20 -21.86 1.09
N LEU A 38 -3.66 -23.07 0.95
CA LEU A 38 -2.50 -23.22 0.09
C LEU A 38 -3.00 -23.14 -1.34
N ALA A 39 -2.05 -23.02 -2.26
CA ALA A 39 -2.33 -22.80 -3.69
C ALA A 39 -3.16 -23.92 -4.29
N GLU A 40 -2.61 -25.13 -4.25
CA GLU A 40 -3.25 -26.32 -4.79
C GLU A 40 -4.62 -26.62 -4.24
N GLU A 41 -5.11 -25.81 -3.31
CA GLU A 41 -6.46 -26.00 -2.77
C GLU A 41 -7.44 -25.30 -3.72
N HIS A 42 -7.33 -25.61 -5.02
CA HIS A 42 -8.17 -25.02 -6.06
C HIS A 42 -9.62 -25.11 -5.66
N THR A 43 -10.06 -26.34 -5.46
CA THR A 43 -11.44 -26.57 -5.14
C THR A 43 -11.90 -25.64 -4.06
N LEU A 44 -11.14 -25.55 -2.99
CA LEU A 44 -11.53 -24.79 -1.83
C LEU A 44 -11.65 -23.29 -2.16
N ARG A 45 -10.62 -22.75 -2.79
CA ARG A 45 -10.66 -21.35 -3.13
C ARG A 45 -11.85 -21.02 -3.98
N GLN A 46 -12.11 -21.84 -4.99
CA GLN A 46 -13.23 -21.56 -5.86
C GLN A 46 -14.53 -21.67 -5.09
N GLN A 47 -14.63 -22.65 -4.20
CA GLN A 47 -15.83 -22.84 -3.40
C GLN A 47 -16.05 -21.64 -2.47
N ILE A 48 -14.99 -21.14 -1.86
CA ILE A 48 -15.11 -20.00 -0.98
C ILE A 48 -15.61 -18.73 -1.72
N LEU A 49 -15.09 -18.46 -2.91
CA LEU A 49 -15.51 -17.28 -3.67
C LEU A 49 -16.96 -17.43 -4.07
N ALA A 50 -17.34 -18.63 -4.43
CA ALA A 50 -18.72 -18.85 -4.82
C ALA A 50 -19.60 -18.47 -3.63
N ASP A 51 -19.17 -18.85 -2.43
CA ASP A 51 -19.93 -18.56 -1.23
C ASP A 51 -19.90 -17.11 -0.80
N LEU A 52 -18.80 -16.42 -1.10
CA LEU A 52 -18.57 -15.04 -0.69
C LEU A 52 -19.21 -13.97 -1.56
N PHE A 53 -19.08 -14.14 -2.87
CA PHE A 53 -19.46 -13.08 -3.76
C PHE A 53 -20.94 -13.15 -4.20
N GLY A 54 -21.49 -12.01 -4.61
CA GLY A 54 -22.83 -11.97 -5.17
C GLY A 54 -22.87 -12.60 -6.53
N GLN A 55 -21.76 -12.56 -7.25
CA GLN A 55 -21.71 -13.17 -8.57
C GLN A 55 -20.27 -13.43 -8.93
N VAL A 56 -20.02 -14.65 -9.40
CA VAL A 56 -18.69 -15.04 -9.80
C VAL A 56 -18.74 -16.30 -10.64
N THR A 57 -17.91 -16.34 -11.66
CA THR A 57 -17.73 -17.57 -12.40
C THR A 57 -16.25 -17.93 -12.30
N GLU A 58 -15.48 -17.51 -13.29
CA GLU A 58 -14.07 -17.84 -13.28
C GLU A 58 -13.39 -16.69 -12.62
N ALA A 59 -12.66 -16.94 -11.55
CA ALA A 59 -11.94 -15.87 -10.84
C ALA A 59 -10.66 -16.40 -10.24
N TYR A 60 -9.56 -15.76 -10.57
CA TYR A 60 -8.31 -16.10 -9.99
C TYR A 60 -7.94 -14.89 -9.14
N ILE A 61 -7.89 -15.09 -7.83
CA ILE A 61 -7.55 -14.02 -6.89
C ILE A 61 -6.43 -14.48 -5.97
N GLU A 62 -5.28 -13.84 -6.08
CA GLU A 62 -4.15 -14.21 -5.24
C GLU A 62 -4.38 -13.65 -3.86
N PRO A 63 -4.20 -14.47 -2.83
CA PRO A 63 -4.19 -13.95 -1.47
C PRO A 63 -3.05 -12.94 -1.35
N THR A 64 -3.12 -11.96 -0.48
CA THR A 64 -4.22 -11.71 0.41
C THR A 64 -5.28 -10.88 -0.27
N PHE A 65 -6.54 -11.28 -0.07
CA PHE A 65 -7.66 -10.54 -0.58
C PHE A 65 -8.49 -10.08 0.59
N ARG A 66 -9.27 -9.02 0.40
CA ARG A 66 -10.06 -8.50 1.50
C ARG A 66 -11.34 -7.83 1.01
N CYS A 67 -12.45 -8.08 1.68
CA CYS A 67 -13.68 -7.36 1.38
C CYS A 67 -14.45 -7.21 2.65
N ASP A 68 -15.53 -6.43 2.64
CA ASP A 68 -16.30 -6.27 3.87
C ASP A 68 -17.44 -7.26 4.01
N TYR A 69 -18.25 -7.40 2.96
CA TYR A 69 -19.44 -8.25 2.99
C TYR A 69 -19.40 -9.44 2.03
N GLY A 70 -18.77 -9.23 0.87
CA GLY A 70 -18.69 -10.26 -0.15
C GLY A 70 -19.88 -10.25 -1.09
N TYR A 71 -21.09 -10.24 -0.53
CA TYR A 71 -22.28 -10.33 -1.35
C TYR A 71 -22.54 -9.10 -2.21
N ASN A 72 -21.80 -8.02 -1.99
CA ASN A 72 -21.93 -6.82 -2.81
C ASN A 72 -20.94 -6.81 -3.95
N ILE A 73 -20.14 -7.86 -4.05
CA ILE A 73 -19.23 -7.94 -5.15
C ILE A 73 -19.77 -8.82 -6.26
N PHE A 74 -19.89 -8.25 -7.45
CA PHE A 74 -20.38 -8.93 -8.63
C PHE A 74 -19.33 -8.93 -9.70
N LEU A 75 -18.79 -10.09 -10.03
CA LEU A 75 -17.64 -10.19 -10.93
C LEU A 75 -18.05 -10.88 -12.22
N GLY A 76 -17.67 -10.32 -13.37
CA GLY A 76 -17.96 -10.92 -14.65
C GLY A 76 -17.01 -12.05 -14.95
N ASN A 77 -17.15 -12.64 -16.13
CA ASN A 77 -16.32 -13.77 -16.50
C ASN A 77 -14.83 -13.48 -16.49
N ASN A 78 -14.06 -14.52 -16.20
CA ASN A 78 -12.62 -14.46 -16.32
C ASN A 78 -12.00 -13.31 -15.55
N PHE A 79 -12.34 -13.22 -14.27
CA PHE A 79 -11.79 -12.19 -13.40
C PHE A 79 -10.43 -12.56 -12.86
N PHE A 80 -9.54 -11.57 -12.76
CA PHE A 80 -8.19 -11.78 -12.30
C PHE A 80 -7.77 -10.63 -11.41
N ALA A 81 -7.20 -10.96 -10.25
CA ALA A 81 -6.66 -9.99 -9.32
C ALA A 81 -5.43 -10.57 -8.69
N ASN A 82 -4.33 -9.80 -8.78
CA ASN A 82 -3.11 -10.12 -8.10
C ASN A 82 -3.27 -9.89 -6.61
N PHE A 83 -2.22 -10.18 -5.86
CA PHE A 83 -2.24 -10.07 -4.40
C PHE A 83 -2.54 -8.66 -3.82
N ASP A 84 -3.01 -8.66 -2.59
CA ASP A 84 -3.26 -7.44 -1.83
C ASP A 84 -4.37 -6.57 -2.36
N CYS A 85 -5.31 -7.16 -3.05
CA CYS A 85 -6.40 -6.35 -3.51
C CYS A 85 -7.46 -6.31 -2.45
N VAL A 86 -8.16 -5.18 -2.47
CA VAL A 86 -9.11 -4.83 -1.46
C VAL A 86 -10.35 -4.25 -2.14
N MET A 87 -11.50 -4.81 -1.78
CA MET A 87 -12.79 -4.39 -2.31
C MET A 87 -13.69 -4.19 -1.12
N LEU A 88 -13.78 -2.96 -0.67
CA LEU A 88 -14.58 -2.69 0.50
C LEU A 88 -15.97 -2.40 -0.01
N ASP A 89 -16.81 -3.42 0.08
CA ASP A 89 -18.11 -3.43 -0.53
C ASP A 89 -19.34 -3.16 0.38
N VAL A 90 -19.41 -1.95 0.90
CA VAL A 90 -20.58 -1.45 1.61
C VAL A 90 -21.70 -1.32 0.59
N CYS A 91 -21.36 -0.85 -0.61
CA CYS A 91 -22.28 -0.85 -1.75
C CYS A 91 -21.77 -1.78 -2.81
N PRO A 92 -22.63 -2.11 -3.76
CA PRO A 92 -22.25 -2.96 -4.89
C PRO A 92 -21.02 -2.48 -5.68
N ILE A 93 -20.10 -3.41 -5.87
CA ILE A 93 -18.94 -3.21 -6.72
C ILE A 93 -19.21 -4.18 -7.85
N ARG A 94 -19.52 -3.66 -9.03
CA ARG A 94 -19.90 -4.45 -10.20
C ARG A 94 -18.82 -4.34 -11.24
N ILE A 95 -18.25 -5.49 -11.59
CA ILE A 95 -17.11 -5.51 -12.47
C ILE A 95 -17.43 -6.42 -13.64
N GLY A 96 -17.09 -5.94 -14.84
CA GLY A 96 -17.34 -6.65 -16.08
C GLY A 96 -16.44 -7.87 -16.32
N ASP A 97 -16.46 -8.33 -17.56
CA ASP A 97 -15.70 -9.47 -17.98
C ASP A 97 -14.25 -9.08 -18.20
N ASN A 98 -13.38 -10.08 -18.08
CA ASN A 98 -11.99 -9.97 -18.44
C ASN A 98 -11.27 -8.85 -17.75
N CYS A 99 -11.62 -8.60 -16.50
CA CYS A 99 -10.93 -7.56 -15.72
C CYS A 99 -9.62 -8.11 -15.18
N MET A 100 -8.61 -7.26 -15.15
CA MET A 100 -7.32 -7.64 -14.59
C MET A 100 -6.94 -6.57 -13.57
N LEU A 101 -6.81 -6.95 -12.31
CA LEU A 101 -6.29 -6.06 -11.25
C LEU A 101 -4.84 -6.45 -10.94
N ALA A 102 -3.96 -5.50 -11.05
CA ALA A 102 -2.59 -5.69 -10.63
C ALA A 102 -2.56 -5.70 -9.11
N PRO A 103 -1.40 -5.91 -8.52
CA PRO A 103 -1.33 -5.99 -7.06
C PRO A 103 -1.75 -4.74 -6.35
N GLY A 104 -2.35 -4.94 -5.18
CA GLY A 104 -2.69 -3.87 -4.30
C GLY A 104 -3.64 -2.83 -4.83
N VAL A 105 -4.53 -3.26 -5.68
CA VAL A 105 -5.60 -2.37 -6.08
C VAL A 105 -6.62 -2.28 -4.96
N HIS A 106 -7.03 -1.06 -4.67
CA HIS A 106 -8.08 -0.80 -3.69
C HIS A 106 -9.33 -0.19 -4.34
N ILE A 107 -10.48 -0.79 -4.05
CA ILE A 107 -11.78 -0.26 -4.49
C ILE A 107 -12.62 0.00 -3.28
N TYR A 108 -13.03 1.25 -3.12
CA TYR A 108 -13.76 1.65 -1.95
C TYR A 108 -15.18 2.08 -2.30
N THR A 109 -16.10 1.85 -1.37
CA THR A 109 -17.46 2.37 -1.48
C THR A 109 -17.87 3.20 -0.30
N ALA A 110 -17.27 2.97 0.87
CA ALA A 110 -17.70 3.71 2.06
C ALA A 110 -17.30 5.16 1.98
N THR A 111 -18.09 6.02 2.56
CA THR A 111 -17.72 7.41 2.63
C THR A 111 -18.33 8.06 3.88
N HIS A 112 -17.97 9.29 4.10
CA HIS A 112 -18.49 10.04 5.22
C HIS A 112 -18.73 11.42 4.73
N PRO A 113 -19.71 12.07 5.31
CA PRO A 113 -19.92 13.49 5.08
C PRO A 113 -18.61 14.25 5.37
N ILE A 114 -18.41 15.33 4.66
CA ILE A 114 -17.23 16.15 4.82
C ILE A 114 -17.37 17.08 6.02
N ASP A 115 -18.61 17.37 6.40
CA ASP A 115 -18.87 18.23 7.54
C ASP A 115 -18.55 17.45 8.80
N PRO A 116 -17.74 18.03 9.68
CA PRO A 116 -17.22 17.31 10.87
C PRO A 116 -18.32 16.89 11.83
N VAL A 117 -19.22 17.81 12.14
CA VAL A 117 -20.28 17.49 13.07
C VAL A 117 -21.03 16.28 12.53
N ALA A 118 -21.41 16.34 11.26
CA ALA A 118 -22.14 15.24 10.64
C ALA A 118 -21.29 13.95 10.60
N ARG A 119 -19.99 14.08 10.35
CA ARG A 119 -19.09 12.92 10.33
C ARG A 119 -18.96 12.29 11.72
N ASN A 120 -18.77 13.11 12.74
CA ASN A 120 -18.63 12.57 14.09
C ASN A 120 -19.98 12.12 14.67
N SER A 121 -21.05 12.25 13.88
CA SER A 121 -22.39 11.89 14.35
C SER A 121 -22.74 10.41 14.25
N GLY A 122 -21.85 9.60 13.69
CA GLY A 122 -22.12 8.17 13.56
C GLY A 122 -22.80 7.82 12.24
N ALA A 123 -22.82 8.80 11.34
CA ALA A 123 -23.41 8.67 10.02
C ALA A 123 -22.61 7.68 9.18
N GLU A 124 -23.24 6.61 8.72
CA GLU A 124 -22.53 5.64 7.86
C GLU A 124 -23.22 5.51 6.49
N LEU A 125 -22.42 5.63 5.42
CA LEU A 125 -22.92 5.70 4.05
C LEU A 125 -21.91 5.16 3.02
N GLY A 126 -22.41 4.67 1.88
CA GLY A 126 -21.55 4.26 0.78
C GLY A 126 -22.04 4.64 -0.61
N LYS A 127 -21.20 4.45 -1.63
CA LYS A 127 -21.63 4.72 -3.02
C LYS A 127 -21.11 3.61 -3.91
N PRO A 128 -21.95 3.08 -4.80
CA PRO A 128 -21.56 1.91 -5.60
C PRO A 128 -20.46 2.23 -6.60
N VAL A 129 -19.70 1.19 -6.95
CA VAL A 129 -18.65 1.32 -7.95
C VAL A 129 -18.99 0.36 -9.05
N THR A 130 -18.90 0.83 -10.28
CA THR A 130 -19.18 -0.02 -11.43
C THR A 130 -18.01 0.07 -12.40
N ILE A 131 -17.54 -1.09 -12.84
CA ILE A 131 -16.40 -1.17 -13.74
C ILE A 131 -16.77 -2.02 -14.94
N GLY A 132 -16.44 -1.54 -16.14
CA GLY A 132 -16.79 -2.22 -17.36
C GLY A 132 -16.04 -3.50 -17.72
N ASN A 133 -16.16 -3.88 -19.00
CA ASN A 133 -15.52 -5.06 -19.55
C ASN A 133 -14.13 -4.74 -20.03
N ASN A 134 -13.22 -5.68 -19.91
CA ASN A 134 -11.89 -5.52 -20.42
C ASN A 134 -11.12 -4.36 -19.78
N VAL A 135 -11.27 -4.18 -18.49
CA VAL A 135 -10.57 -3.13 -17.77
C VAL A 135 -9.33 -3.70 -17.10
N TRP A 136 -8.20 -3.03 -17.30
CA TRP A 136 -6.94 -3.37 -16.68
C TRP A 136 -6.58 -2.22 -15.72
N ILE A 137 -6.46 -2.55 -14.43
CA ILE A 137 -6.16 -1.59 -13.40
C ILE A 137 -4.79 -1.89 -12.83
N GLY A 138 -3.91 -0.90 -12.93
CA GLY A 138 -2.50 -1.04 -12.56
C GLY A 138 -2.25 -1.12 -11.07
N GLY A 139 -1.05 -1.49 -10.74
CA GLY A 139 -0.60 -1.68 -9.37
C GLY A 139 -0.85 -0.48 -8.46
N ARG A 140 -1.48 -0.75 -7.32
CA ARG A 140 -1.74 0.25 -6.30
C ARG A 140 -2.70 1.36 -6.64
N ALA A 141 -3.51 1.15 -7.64
CA ALA A 141 -4.52 2.12 -7.98
C ALA A 141 -5.57 2.11 -6.89
N VAL A 142 -6.28 3.22 -6.79
CA VAL A 142 -7.38 3.42 -5.88
C VAL A 142 -8.62 3.86 -6.67
N ILE A 143 -9.69 3.09 -6.56
CA ILE A 143 -10.97 3.44 -7.20
C ILE A 143 -11.92 3.88 -6.11
N ASN A 144 -12.27 5.16 -6.12
CA ASN A 144 -13.15 5.72 -5.09
C ASN A 144 -14.61 5.45 -5.30
N PRO A 145 -15.35 5.67 -4.22
CA PRO A 145 -16.78 5.43 -4.23
C PRO A 145 -17.54 6.20 -5.31
N GLY A 146 -18.54 5.57 -5.91
CA GLY A 146 -19.43 6.28 -6.84
C GLY A 146 -18.87 6.46 -8.23
N VAL A 147 -17.73 5.84 -8.49
CA VAL A 147 -17.12 5.94 -9.78
C VAL A 147 -17.66 4.87 -10.74
N THR A 148 -17.77 5.25 -12.00
CA THR A 148 -18.07 4.32 -13.07
C THR A 148 -16.96 4.37 -14.11
N ILE A 149 -16.38 3.20 -14.40
CA ILE A 149 -15.31 3.05 -15.37
C ILE A 149 -15.83 2.30 -16.53
N GLY A 150 -15.71 2.89 -17.72
CA GLY A 150 -16.25 2.32 -18.95
C GLY A 150 -15.51 1.08 -19.42
N ASP A 151 -15.85 0.57 -20.62
CA ASP A 151 -15.18 -0.61 -21.17
C ASP A 151 -13.83 -0.32 -21.77
N ASN A 152 -12.95 -1.31 -21.72
CA ASN A 152 -11.63 -1.18 -22.36
C ASN A 152 -10.80 -0.09 -21.79
N VAL A 153 -10.91 0.14 -20.52
CA VAL A 153 -10.10 1.14 -19.90
C VAL A 153 -8.84 0.53 -19.30
N VAL A 154 -7.76 1.30 -19.39
CA VAL A 154 -6.52 0.96 -18.72
C VAL A 154 -6.31 2.06 -17.68
N VAL A 155 -6.19 1.65 -16.41
CA VAL A 155 -5.96 2.56 -15.29
C VAL A 155 -4.51 2.32 -14.93
N ALA A 156 -3.68 3.33 -15.09
CA ALA A 156 -2.24 3.22 -14.80
C ALA A 156 -1.98 2.97 -13.30
N SER A 157 -0.86 2.32 -13.05
CA SER A 157 -0.43 2.06 -11.71
C SER A 157 -0.44 3.33 -10.88
N GLY A 158 -0.89 3.16 -9.65
CA GLY A 158 -0.92 4.29 -8.74
C GLY A 158 -1.94 5.34 -9.06
N ALA A 159 -2.77 5.14 -10.09
CA ALA A 159 -3.74 6.18 -10.36
C ALA A 159 -4.80 6.23 -9.24
N VAL A 160 -5.31 7.42 -8.95
CA VAL A 160 -6.36 7.57 -7.98
C VAL A 160 -7.57 8.11 -8.74
N VAL A 161 -8.57 7.25 -8.92
CA VAL A 161 -9.74 7.57 -9.71
C VAL A 161 -10.86 8.11 -8.84
N THR A 162 -11.28 9.34 -9.14
CA THR A 162 -12.29 10.01 -8.37
C THR A 162 -13.53 10.37 -9.18
N LYS A 163 -13.46 10.25 -10.49
CA LYS A 163 -14.58 10.63 -11.34
C LYS A 163 -14.74 9.52 -12.36
N ASP A 164 -15.88 9.50 -13.05
CA ASP A 164 -16.07 8.48 -14.06
C ASP A 164 -15.00 8.56 -15.12
N VAL A 165 -14.78 7.42 -15.75
CA VAL A 165 -13.84 7.28 -16.84
C VAL A 165 -14.64 6.69 -17.99
N PRO A 166 -14.58 7.33 -19.13
CA PRO A 166 -15.35 6.88 -20.30
C PRO A 166 -14.69 5.69 -20.96
N ASP A 167 -15.36 5.15 -21.97
CA ASP A 167 -14.83 4.00 -22.70
C ASP A 167 -13.52 4.32 -23.40
N ASN A 168 -12.69 3.31 -23.55
CA ASN A 168 -11.56 3.38 -24.45
C ASN A 168 -10.50 4.44 -24.20
N VAL A 169 -10.09 4.59 -22.95
CA VAL A 169 -9.04 5.50 -22.61
C VAL A 169 -8.06 4.91 -21.61
N VAL A 170 -6.85 5.48 -21.60
CA VAL A 170 -5.89 5.19 -20.55
C VAL A 170 -5.96 6.36 -19.60
N VAL A 171 -6.16 6.08 -18.32
CA VAL A 171 -6.08 7.13 -17.31
C VAL A 171 -4.93 6.88 -16.35
N GLY A 172 -4.45 7.97 -15.76
CA GLY A 172 -3.32 7.93 -14.86
C GLY A 172 -3.22 9.21 -14.08
N GLY A 173 -2.52 9.14 -12.95
CA GLY A 173 -2.25 10.29 -12.10
C GLY A 173 -3.15 10.33 -10.87
N ASN A 174 -2.87 11.31 -10.03
CA ASN A 174 -3.71 11.59 -8.88
C ASN A 174 -3.87 13.07 -8.77
N PRO A 175 -5.03 13.59 -9.16
CA PRO A 175 -6.18 12.81 -9.63
C PRO A 175 -5.99 12.23 -11.02
N ALA A 176 -6.69 11.17 -11.31
CA ALA A 176 -6.51 10.49 -12.59
C ALA A 176 -7.08 11.34 -13.71
N ARG A 177 -6.34 11.43 -14.80
CA ARG A 177 -6.73 12.21 -15.97
C ARG A 177 -6.53 11.30 -17.20
N ILE A 178 -7.23 11.60 -18.28
CA ILE A 178 -7.05 10.87 -19.53
C ILE A 178 -5.66 11.10 -20.07
N ILE A 179 -4.92 10.02 -20.29
CA ILE A 179 -3.53 10.13 -20.78
C ILE A 179 -3.56 10.06 -22.29
N LYS A 180 -4.33 9.12 -22.81
CA LYS A 180 -4.56 9.03 -24.24
C LYS A 180 -5.79 8.17 -24.52
N LYS A 181 -6.25 8.20 -25.78
CA LYS A 181 -7.38 7.35 -26.21
C LYS A 181 -6.90 6.01 -26.71
N LEU A 182 -7.74 4.98 -26.61
CA LEU A 182 -7.42 3.67 -27.17
C LEU A 182 -8.18 3.37 -28.43
N SER B 1 14.14 -20.08 -28.70
CA SER B 1 14.37 -19.59 -27.34
C SER B 1 13.37 -20.17 -26.37
N THR B 2 13.90 -20.57 -25.22
CA THR B 2 13.14 -20.82 -24.01
C THR B 2 12.22 -19.67 -23.64
N GLU B 3 11.12 -20.00 -23.02
CA GLU B 3 10.21 -19.00 -22.52
C GLU B 3 10.90 -18.12 -21.50
N LYS B 4 11.74 -18.73 -20.66
CA LYS B 4 12.55 -17.99 -19.67
C LYS B 4 13.46 -16.96 -20.34
N GLU B 5 14.14 -17.35 -21.40
CA GLU B 5 15.00 -16.42 -22.08
C GLU B 5 14.17 -15.28 -22.68
N LYS B 6 13.03 -15.59 -23.26
CA LYS B 6 12.17 -14.56 -23.80
C LYS B 6 11.69 -13.61 -22.68
N MET B 7 11.29 -14.18 -21.56
CA MET B 7 10.77 -13.35 -20.45
C MET B 7 11.87 -12.36 -20.05
N ILE B 8 13.06 -12.88 -19.79
CA ILE B 8 14.16 -12.03 -19.28
C ILE B 8 14.53 -10.96 -20.28
N ALA B 9 14.45 -11.27 -21.55
CA ALA B 9 14.87 -10.36 -22.58
C ALA B 9 13.78 -9.35 -22.91
N GLY B 10 12.63 -9.45 -22.25
CA GLY B 10 11.62 -8.47 -22.49
C GLY B 10 10.82 -8.78 -23.74
N GLU B 11 10.69 -10.05 -24.05
CA GLU B 11 9.85 -10.42 -25.16
C GLU B 11 8.62 -11.15 -24.68
N LEU B 12 7.66 -11.32 -25.59
CA LEU B 12 6.44 -12.04 -25.27
C LEU B 12 6.82 -13.44 -24.81
N TYR B 13 6.27 -13.87 -23.66
CA TYR B 13 6.59 -15.17 -23.10
C TYR B 13 5.33 -15.82 -22.55
N ARG B 14 5.46 -17.09 -22.18
CA ARG B 14 4.35 -17.82 -21.58
C ARG B 14 4.68 -18.20 -20.16
N SER B 15 3.94 -17.62 -19.22
CA SER B 15 4.22 -17.85 -17.82
C SER B 15 3.83 -19.25 -17.37
N ALA B 16 2.87 -19.87 -18.04
CA ALA B 16 2.50 -21.22 -17.65
C ALA B 16 3.60 -22.25 -17.98
N ASP B 17 4.69 -21.80 -18.60
CA ASP B 17 5.86 -22.64 -18.88
C ASP B 17 6.33 -23.40 -17.64
N GLU B 18 6.76 -24.63 -17.86
CA GLU B 18 7.16 -25.53 -16.79
C GLU B 18 8.31 -24.96 -15.93
N THR B 19 9.39 -24.55 -16.58
CA THR B 19 10.51 -24.04 -15.86
C THR B 19 10.06 -22.84 -15.04
N LEU B 20 9.44 -21.88 -15.71
CA LEU B 20 8.99 -20.68 -15.01
C LEU B 20 8.07 -20.98 -13.84
N SER B 21 7.16 -21.93 -13.98
CA SER B 21 6.27 -22.29 -12.88
C SER B 21 7.16 -22.76 -11.73
N ARG B 22 8.10 -23.64 -12.03
CA ARG B 22 9.01 -24.14 -11.00
C ARG B 22 9.84 -23.02 -10.40
N ASP B 23 10.31 -22.09 -11.22
CA ASP B 23 11.10 -20.98 -10.70
C ASP B 23 10.28 -20.14 -9.73
N ARG B 24 9.03 -19.85 -10.06
CA ARG B 24 8.18 -19.04 -9.16
C ARG B 24 7.91 -19.77 -7.86
N LEU B 25 7.81 -21.08 -7.91
CA LEU B 25 7.55 -21.79 -6.68
C LEU B 25 8.80 -21.76 -5.79
N ARG B 26 9.96 -21.98 -6.40
CA ARG B 26 11.19 -21.92 -5.66
C ARG B 26 11.30 -20.55 -4.97
N ALA B 27 10.99 -19.47 -5.69
CA ALA B 27 11.10 -18.12 -5.11
C ALA B 27 10.10 -17.89 -3.97
N ARG B 28 8.91 -18.43 -4.14
CA ARG B 28 7.86 -18.32 -3.17
C ARG B 28 8.32 -19.03 -1.91
N GLN B 29 8.94 -20.20 -2.06
CA GLN B 29 9.44 -20.95 -0.90
C GLN B 29 10.48 -20.17 -0.12
N LEU B 30 11.42 -19.57 -0.83
CA LEU B 30 12.47 -18.80 -0.23
C LEU B 30 11.91 -17.53 0.42
N ILE B 31 11.00 -16.86 -0.27
CA ILE B 31 10.39 -15.64 0.25
C ILE B 31 9.69 -15.96 1.56
N HIS B 32 8.93 -17.05 1.52
CA HIS B 32 8.17 -17.43 2.70
C HIS B 32 9.12 -17.68 3.86
N ARG B 33 10.24 -18.34 3.61
CA ARG B 33 11.18 -18.62 4.68
C ARG B 33 11.80 -17.31 5.17
N TYR B 34 12.06 -16.39 4.24
CA TYR B 34 12.64 -15.11 4.61
C TYR B 34 11.69 -14.34 5.51
N ASN B 35 10.44 -14.27 5.09
CA ASN B 35 9.48 -13.49 5.82
C ASN B 35 9.10 -14.02 7.17
N HIS B 36 9.25 -15.33 7.41
CA HIS B 36 8.87 -15.87 8.72
C HIS B 36 10.10 -16.09 9.60
N SER B 37 11.25 -15.72 9.08
CA SER B 37 12.50 -15.85 9.83
C SER B 37 12.63 -14.75 10.91
N LEU B 38 13.35 -15.01 12.01
CA LEU B 38 13.53 -13.97 13.02
C LEU B 38 14.68 -13.00 12.66
N ALA B 39 14.59 -11.78 13.17
CA ALA B 39 15.58 -10.75 12.92
C ALA B 39 16.96 -11.13 13.49
N GLU B 40 16.97 -11.88 14.59
CA GLU B 40 18.26 -12.33 15.14
C GLU B 40 18.91 -13.37 14.20
N GLU B 41 18.17 -13.90 13.22
CA GLU B 41 18.67 -14.93 12.28
C GLU B 41 19.49 -14.41 11.08
N HIS B 42 20.61 -13.76 11.36
CA HIS B 42 21.36 -13.07 10.30
C HIS B 42 21.93 -13.98 9.25
N THR B 43 22.49 -15.09 9.70
CA THR B 43 23.11 -16.02 8.81
C THR B 43 22.05 -16.58 7.87
N LEU B 44 20.86 -16.92 8.38
CA LEU B 44 19.78 -17.48 7.57
C LEU B 44 19.28 -16.50 6.53
N ARG B 45 18.90 -15.32 6.99
CA ARG B 45 18.47 -14.28 6.08
C ARG B 45 19.48 -14.01 4.98
N GLN B 46 20.73 -13.85 5.36
CA GLN B 46 21.77 -13.59 4.37
C GLN B 46 21.89 -14.77 3.41
N GLN B 47 21.75 -15.99 3.93
CA GLN B 47 21.86 -17.19 3.10
C GLN B 47 20.71 -17.28 2.10
N ILE B 48 19.52 -16.95 2.57
CA ILE B 48 18.36 -17.01 1.71
C ILE B 48 18.47 -15.95 0.63
N LEU B 49 18.89 -14.73 0.96
CA LEU B 49 19.06 -13.71 -0.06
C LEU B 49 20.13 -14.07 -1.10
N ALA B 50 21.24 -14.67 -0.65
CA ALA B 50 22.30 -15.09 -1.61
C ALA B 50 21.74 -16.12 -2.58
N ASP B 51 20.85 -16.95 -2.10
CA ASP B 51 20.17 -17.92 -2.93
C ASP B 51 19.13 -17.37 -3.89
N LEU B 52 18.43 -16.34 -3.44
CA LEU B 52 17.30 -15.76 -4.16
C LEU B 52 17.70 -14.84 -5.29
N PHE B 53 18.63 -13.94 -5.01
CA PHE B 53 18.92 -12.88 -5.94
C PHE B 53 20.00 -13.25 -6.97
N GLY B 54 20.04 -12.50 -8.07
CA GLY B 54 21.08 -12.67 -9.07
C GLY B 54 22.38 -12.09 -8.57
N GLN B 55 22.30 -11.05 -7.78
CA GLN B 55 23.49 -10.42 -7.23
C GLN B 55 23.12 -9.73 -5.97
N VAL B 56 23.92 -9.97 -4.95
CA VAL B 56 23.77 -9.33 -3.67
C VAL B 56 25.04 -9.50 -2.83
N THR B 57 25.37 -8.45 -2.09
CA THR B 57 26.43 -8.55 -1.12
C THR B 57 25.83 -8.18 0.21
N GLU B 58 25.96 -6.93 0.64
CA GLU B 58 25.42 -6.53 1.91
C GLU B 58 24.01 -6.04 1.64
N ALA B 59 23.03 -6.59 2.37
CA ALA B 59 21.64 -6.23 2.14
C ALA B 59 20.82 -6.39 3.40
N TYR B 60 20.19 -5.31 3.81
CA TYR B 60 19.31 -5.36 4.96
C TYR B 60 17.91 -5.15 4.35
N ILE B 61 17.07 -6.18 4.42
CA ILE B 61 15.71 -6.17 3.91
C ILE B 61 14.74 -6.62 5.01
N GLU B 62 13.91 -5.71 5.49
CA GLU B 62 12.92 -6.06 6.49
C GLU B 62 11.77 -6.82 5.88
N PRO B 63 11.37 -7.94 6.44
CA PRO B 63 10.12 -8.55 5.99
C PRO B 63 8.95 -7.60 6.26
N THR B 64 7.88 -7.70 5.52
CA THR B 64 7.68 -8.64 4.46
C THR B 64 8.26 -8.14 3.15
N PHE B 65 8.96 -9.02 2.44
CA PHE B 65 9.50 -8.73 1.13
C PHE B 65 8.89 -9.67 0.13
N ARG B 66 8.81 -9.23 -1.12
CA ARG B 66 8.20 -10.06 -2.16
C ARG B 66 8.88 -9.84 -3.49
N CYS B 67 9.10 -10.92 -4.23
CA CYS B 67 9.54 -10.83 -5.61
C CYS B 67 8.94 -12.00 -6.38
N ASP B 68 9.10 -12.05 -7.69
CA ASP B 68 8.55 -13.17 -8.45
C ASP B 68 9.53 -14.29 -8.72
N TYR B 69 10.74 -13.94 -9.13
CA TYR B 69 11.74 -14.93 -9.54
C TYR B 69 13.01 -14.91 -8.69
N GLY B 70 13.41 -13.72 -8.27
CA GLY B 70 14.59 -13.56 -7.47
C GLY B 70 15.82 -13.36 -8.31
N TYR B 71 16.03 -14.25 -9.29
CA TYR B 71 17.27 -14.22 -10.06
C TYR B 71 17.36 -13.02 -10.98
N ASN B 72 16.26 -12.30 -11.15
CA ASN B 72 16.31 -11.10 -11.96
C ASN B 72 16.60 -9.87 -11.13
N ILE B 73 16.81 -10.01 -9.82
CA ILE B 73 17.15 -8.85 -8.98
C ILE B 73 18.64 -8.80 -8.76
N PHE B 74 19.24 -7.66 -9.08
CA PHE B 74 20.67 -7.47 -8.97
C PHE B 74 20.90 -6.23 -8.14
N LEU B 75 21.46 -6.44 -6.96
CA LEU B 75 21.59 -5.36 -5.96
C LEU B 75 23.05 -5.02 -5.68
N GLY B 76 23.38 -3.75 -5.73
CA GLY B 76 24.73 -3.31 -5.48
C GLY B 76 25.03 -3.33 -4.00
N ASN B 77 26.22 -2.88 -3.65
CA ASN B 77 26.66 -2.92 -2.26
C ASN B 77 25.77 -2.11 -1.30
N ASN B 78 25.67 -2.60 -0.08
CA ASN B 78 25.04 -1.87 0.99
C ASN B 78 23.61 -1.48 0.64
N PHE B 79 22.82 -2.47 0.30
CA PHE B 79 21.43 -2.28 -0.02
C PHE B 79 20.55 -2.30 1.22
N PHE B 80 19.56 -1.42 1.26
CA PHE B 80 18.64 -1.31 2.41
C PHE B 80 17.19 -1.12 1.91
N ALA B 81 16.31 -1.92 2.46
CA ALA B 81 14.91 -1.79 2.13
C ALA B 81 14.08 -2.08 3.38
N ASN B 82 13.25 -1.11 3.74
CA ASN B 82 12.29 -1.26 4.80
C ASN B 82 11.19 -2.25 4.43
N PHE B 83 10.29 -2.51 5.35
CA PHE B 83 9.23 -3.48 5.16
C PHE B 83 8.27 -3.24 3.97
N ASP B 84 7.68 -4.32 3.50
CA ASP B 84 6.64 -4.32 2.46
C ASP B 84 7.13 -3.89 1.10
N CYS B 85 8.41 -4.06 0.83
CA CYS B 85 8.89 -3.73 -0.47
C CYS B 85 8.58 -4.91 -1.41
N VAL B 86 8.33 -4.56 -2.64
CA VAL B 86 7.91 -5.51 -3.64
C VAL B 86 8.72 -5.23 -4.92
N MET B 87 9.38 -6.26 -5.44
CA MET B 87 10.22 -6.17 -6.59
C MET B 87 9.75 -7.30 -7.52
N LEU B 88 8.87 -6.95 -8.44
CA LEU B 88 8.27 -7.96 -9.27
C LEU B 88 9.13 -8.06 -10.50
N ASP B 89 10.00 -9.05 -10.49
CA ASP B 89 11.09 -9.15 -11.44
C ASP B 89 10.96 -10.16 -12.59
N VAL B 90 9.99 -9.90 -13.44
CA VAL B 90 9.78 -10.55 -14.70
C VAL B 90 11.01 -10.26 -15.59
N CYS B 91 11.49 -9.02 -15.53
CA CYS B 91 12.73 -8.62 -16.18
C CYS B 91 13.71 -8.14 -15.13
N PRO B 92 14.98 -8.02 -15.47
CA PRO B 92 15.99 -7.54 -14.53
C PRO B 92 15.66 -6.22 -13.86
N ILE B 93 15.85 -6.20 -12.55
CA ILE B 93 15.74 -4.99 -11.76
C ILE B 93 17.18 -4.82 -11.25
N ARG B 94 17.92 -3.84 -11.81
CA ARG B 94 19.31 -3.62 -11.44
C ARG B 94 19.41 -2.36 -10.62
N ILE B 95 19.93 -2.52 -9.41
CA ILE B 95 20.04 -1.43 -8.44
C ILE B 95 21.50 -1.29 -8.03
N GLY B 96 22.00 -0.05 -8.05
CA GLY B 96 23.36 0.25 -7.71
C GLY B 96 23.65 0.17 -6.21
N ASP B 97 24.76 0.78 -5.83
CA ASP B 97 25.20 0.76 -4.45
C ASP B 97 24.48 1.81 -3.60
N ASN B 98 24.45 1.54 -2.31
CA ASN B 98 23.92 2.49 -1.33
C ASN B 98 22.46 2.90 -1.59
N CYS B 99 21.65 1.99 -2.11
CA CYS B 99 20.25 2.24 -2.29
C CYS B 99 19.48 2.11 -0.99
N MET B 100 18.54 3.01 -0.78
CA MET B 100 17.71 2.99 0.40
C MET B 100 16.25 3.05 -0.03
N LEU B 101 15.51 1.99 0.26
CA LEU B 101 14.07 2.00 -0.05
C LEU B 101 13.32 2.12 1.24
N ALA B 102 12.47 3.12 1.35
CA ALA B 102 11.59 3.26 2.50
C ALA B 102 10.51 2.18 2.41
N PRO B 103 9.60 2.15 3.36
CA PRO B 103 8.56 1.13 3.37
C PRO B 103 7.63 1.12 2.17
N GLY B 104 7.24 -0.08 1.76
CA GLY B 104 6.21 -0.24 0.76
C GLY B 104 6.51 0.26 -0.62
N VAL B 105 7.79 0.29 -0.96
CA VAL B 105 8.17 0.63 -2.26
C VAL B 105 7.86 -0.56 -3.20
N HIS B 106 7.29 -0.24 -4.34
CA HIS B 106 6.99 -1.26 -5.35
C HIS B 106 7.74 -0.96 -6.64
N ILE B 107 8.46 -1.95 -7.13
CA ILE B 107 9.11 -1.90 -8.43
C ILE B 107 8.50 -3.01 -9.31
N TYR B 108 7.92 -2.60 -10.42
CA TYR B 108 7.27 -3.48 -11.34
C TYR B 108 8.04 -3.58 -12.65
N THR B 109 7.99 -4.73 -13.27
CA THR B 109 8.53 -4.90 -14.63
C THR B 109 7.51 -5.50 -15.62
N ALA B 110 6.49 -6.17 -15.11
CA ALA B 110 5.45 -6.76 -15.94
C ALA B 110 4.57 -5.72 -16.57
N THR B 111 4.12 -5.97 -17.78
CA THR B 111 3.22 -5.06 -18.41
C THR B 111 2.30 -5.84 -19.36
N HIS B 112 1.34 -5.13 -19.90
CA HIS B 112 0.39 -5.68 -20.84
C HIS B 112 0.18 -4.69 -21.90
N PRO B 113 -0.10 -5.20 -23.08
CA PRO B 113 -0.55 -4.35 -24.17
C PRO B 113 -1.79 -3.56 -23.71
N ILE B 114 -1.95 -2.36 -24.22
CA ILE B 114 -3.08 -1.53 -23.86
C ILE B 114 -4.34 -1.91 -24.62
N ASP B 115 -4.16 -2.51 -25.78
CA ASP B 115 -5.28 -2.92 -26.60
C ASP B 115 -5.92 -4.16 -25.95
N PRO B 116 -7.23 -4.13 -25.75
CA PRO B 116 -7.91 -5.16 -24.96
C PRO B 116 -7.84 -6.53 -25.58
N VAL B 117 -8.02 -6.58 -26.89
CA VAL B 117 -7.99 -7.84 -27.61
C VAL B 117 -6.66 -8.50 -27.35
N ALA B 118 -5.59 -7.71 -27.50
CA ALA B 118 -4.23 -8.20 -27.32
C ALA B 118 -4.00 -8.62 -25.89
N ARG B 119 -4.51 -7.81 -24.97
CA ARG B 119 -4.38 -8.07 -23.55
C ARG B 119 -5.11 -9.34 -23.15
N ASN B 120 -6.33 -9.51 -23.62
CA ASN B 120 -7.08 -10.69 -23.25
C ASN B 120 -6.59 -11.93 -24.01
N SER B 121 -5.57 -11.76 -24.84
CA SER B 121 -5.04 -12.87 -25.64
C SER B 121 -4.01 -13.78 -24.92
N GLY B 122 -3.65 -13.49 -23.67
CA GLY B 122 -2.69 -14.32 -22.96
C GLY B 122 -1.25 -13.82 -23.08
N ALA B 123 -1.11 -12.68 -23.73
CA ALA B 123 0.19 -12.10 -24.02
C ALA B 123 0.84 -11.69 -22.72
N GLU B 124 2.02 -12.24 -22.42
CA GLU B 124 2.75 -11.80 -21.23
C GLU B 124 4.12 -11.20 -21.63
N LEU B 125 4.45 -10.07 -21.00
CA LEU B 125 5.63 -9.30 -21.32
C LEU B 125 6.10 -8.38 -20.16
N GLY B 126 7.40 -8.08 -20.11
CA GLY B 126 7.93 -7.16 -19.10
C GLY B 126 8.95 -6.17 -19.66
N LYS B 127 9.37 -5.21 -18.85
CA LYS B 127 10.42 -4.28 -19.22
C LYS B 127 11.33 -4.08 -18.02
N PRO B 128 12.65 -4.09 -18.25
CA PRO B 128 13.62 -3.99 -17.14
C PRO B 128 13.57 -2.65 -16.45
N VAL B 129 14.02 -2.63 -15.21
CA VAL B 129 14.14 -1.41 -14.42
C VAL B 129 15.55 -1.32 -13.95
N THR B 130 16.14 -0.14 -14.07
CA THR B 130 17.50 0.09 -13.65
C THR B 130 17.55 1.31 -12.76
N ILE B 131 18.26 1.17 -11.62
CA ILE B 131 18.38 2.24 -10.65
C ILE B 131 19.83 2.43 -10.30
N GLY B 132 20.26 3.69 -10.26
CA GLY B 132 21.66 4.00 -10.07
C GLY B 132 22.18 3.88 -8.63
N ASN B 133 23.33 4.52 -8.40
CA ASN B 133 23.97 4.52 -7.10
C ASN B 133 23.43 5.63 -6.23
N ASN B 134 23.41 5.39 -4.93
CA ASN B 134 23.01 6.42 -3.96
C ASN B 134 21.62 6.98 -4.22
N VAL B 135 20.69 6.10 -4.53
CA VAL B 135 19.31 6.50 -4.74
C VAL B 135 18.48 6.21 -3.49
N TRP B 136 17.70 7.19 -3.06
CA TRP B 136 16.78 7.04 -1.94
C TRP B 136 15.35 7.11 -2.49
N ILE B 137 14.56 6.09 -2.22
CA ILE B 137 13.19 6.02 -2.71
C ILE B 137 12.27 6.04 -1.55
N GLY B 138 11.43 7.08 -1.50
CA GLY B 138 10.57 7.31 -0.35
C GLY B 138 9.44 6.30 -0.25
N GLY B 139 8.76 6.31 0.89
CA GLY B 139 7.69 5.38 1.22
C GLY B 139 6.54 5.34 0.23
N ARG B 140 6.15 4.14 -0.14
CA ARG B 140 5.08 3.90 -1.06
C ARG B 140 5.24 4.39 -2.50
N ALA B 141 6.46 4.64 -2.91
CA ALA B 141 6.66 5.00 -4.28
C ALA B 141 6.43 3.77 -5.12
N VAL B 142 6.17 4.04 -6.37
CA VAL B 142 6.01 3.03 -7.40
C VAL B 142 6.97 3.34 -8.56
N ILE B 143 7.80 2.37 -8.91
CA ILE B 143 8.72 2.49 -10.05
C ILE B 143 8.18 1.57 -11.16
N ASN B 144 7.76 2.16 -12.27
CA ASN B 144 7.18 1.39 -13.38
C ASN B 144 8.16 0.69 -14.31
N PRO B 145 7.65 -0.25 -15.08
CA PRO B 145 8.52 -1.01 -15.96
C PRO B 145 9.24 -0.12 -16.96
N GLY B 146 10.50 -0.44 -17.24
CA GLY B 146 11.24 0.25 -18.28
C GLY B 146 11.85 1.56 -17.86
N VAL B 147 11.75 1.88 -16.60
CA VAL B 147 12.26 3.13 -16.12
C VAL B 147 13.75 3.00 -15.78
N THR B 148 14.49 4.06 -16.03
CA THR B 148 15.87 4.17 -15.59
C THR B 148 16.04 5.38 -14.69
N ILE B 149 16.48 5.14 -13.46
CA ILE B 149 16.73 6.21 -12.48
C ILE B 149 18.25 6.39 -12.36
N GLY B 150 18.73 7.61 -12.49
CA GLY B 150 20.16 7.87 -12.47
C GLY B 150 20.74 7.84 -11.07
N ASP B 151 21.98 8.30 -10.94
CA ASP B 151 22.67 8.32 -9.66
C ASP B 151 22.30 9.50 -8.80
N ASN B 152 22.31 9.28 -7.49
CA ASN B 152 22.03 10.34 -6.51
C ASN B 152 20.63 10.92 -6.61
N VAL B 153 19.68 10.10 -6.95
CA VAL B 153 18.32 10.59 -7.07
C VAL B 153 17.59 10.32 -5.78
N VAL B 154 16.75 11.28 -5.41
CA VAL B 154 15.84 11.16 -4.32
C VAL B 154 14.44 11.14 -4.93
N VAL B 155 13.70 10.05 -4.64
CA VAL B 155 12.35 9.88 -5.09
C VAL B 155 11.46 10.09 -3.89
N ALA B 156 10.61 11.11 -3.93
CA ALA B 156 9.78 11.41 -2.79
C ALA B 156 8.78 10.31 -2.52
N SER B 157 8.32 10.26 -1.29
CA SER B 157 7.33 9.27 -0.91
C SER B 157 6.12 9.43 -1.78
N GLY B 158 5.53 8.30 -2.11
CA GLY B 158 4.34 8.26 -2.89
C GLY B 158 4.56 8.61 -4.35
N ALA B 159 5.78 8.85 -4.78
CA ALA B 159 5.96 9.20 -6.16
C ALA B 159 5.67 8.00 -7.07
N VAL B 160 5.10 8.30 -8.23
CA VAL B 160 4.85 7.26 -9.22
C VAL B 160 5.76 7.61 -10.42
N VAL B 161 6.82 6.83 -10.59
CA VAL B 161 7.83 7.10 -11.62
C VAL B 161 7.47 6.34 -12.91
N THR B 162 7.16 7.11 -13.95
CA THR B 162 6.77 6.55 -15.21
C THR B 162 7.80 6.74 -16.32
N LYS B 163 8.80 7.61 -16.14
CA LYS B 163 9.79 7.92 -17.17
C LYS B 163 11.14 7.97 -16.52
N ASP B 164 12.15 8.01 -17.35
CA ASP B 164 13.50 8.06 -16.81
C ASP B 164 13.69 9.29 -15.93
N VAL B 165 14.60 9.14 -14.98
CA VAL B 165 14.96 10.22 -14.07
C VAL B 165 16.44 10.40 -14.23
N PRO B 166 16.89 11.61 -14.51
CA PRO B 166 18.32 11.87 -14.72
C PRO B 166 19.05 11.91 -13.39
N ASP B 167 20.36 12.02 -13.45
CA ASP B 167 21.18 12.11 -12.24
C ASP B 167 20.87 13.36 -11.43
N ASN B 168 21.10 13.24 -10.13
CA ASN B 168 21.17 14.40 -9.26
C ASN B 168 19.93 15.29 -9.17
N VAL B 169 18.78 14.66 -9.03
CA VAL B 169 17.54 15.40 -8.85
C VAL B 169 16.65 14.74 -7.80
N VAL B 170 15.72 15.53 -7.30
CA VAL B 170 14.67 15.06 -6.44
C VAL B 170 13.43 15.04 -7.33
N VAL B 171 12.75 13.92 -7.37
CA VAL B 171 11.48 13.83 -8.05
C VAL B 171 10.37 13.49 -7.09
N GLY B 172 9.18 13.89 -7.45
CA GLY B 172 8.00 13.67 -6.63
C GLY B 172 6.75 13.87 -7.45
N GLY B 173 5.64 13.33 -6.97
CA GLY B 173 4.37 13.49 -7.63
C GLY B 173 3.92 12.25 -8.38
N ASN B 174 2.66 12.31 -8.80
CA ASN B 174 2.13 11.30 -9.70
C ASN B 174 1.40 12.02 -10.79
N PRO B 175 1.99 12.10 -11.96
CA PRO B 175 3.28 11.52 -12.31
C PRO B 175 4.42 12.30 -11.71
N ALA B 176 5.54 11.61 -11.55
CA ALA B 176 6.70 12.17 -10.91
C ALA B 176 7.36 13.21 -11.79
N ARG B 177 7.71 14.33 -11.22
CA ARG B 177 8.37 15.39 -11.95
C ARG B 177 9.55 15.85 -11.11
N ILE B 178 10.46 16.58 -11.73
CA ILE B 178 11.62 17.10 -11.03
C ILE B 178 11.23 18.24 -10.10
N ILE B 179 11.63 18.11 -8.83
CA ILE B 179 11.24 19.05 -7.80
C ILE B 179 12.32 20.05 -7.66
N LYS B 180 13.53 19.53 -7.77
CA LYS B 180 14.69 20.35 -7.71
C LYS B 180 15.93 19.55 -8.03
N LYS B 181 16.97 20.28 -8.41
CA LYS B 181 18.28 19.73 -8.61
C LYS B 181 19.02 19.58 -7.29
N LEU B 182 19.78 18.52 -7.12
CA LEU B 182 20.71 18.49 -5.99
C LEU B 182 22.00 19.14 -6.42
N SER C 1 23.33 14.85 26.72
CA SER C 1 22.04 14.50 26.06
C SER C 1 22.11 13.15 25.40
N THR C 2 21.37 12.17 25.93
CA THR C 2 21.12 10.87 25.29
C THR C 2 20.61 10.92 23.86
N GLU C 3 20.88 9.86 23.09
CA GLU C 3 20.41 9.78 21.72
C GLU C 3 18.90 9.86 21.66
N LYS C 4 18.24 9.26 22.65
CA LYS C 4 16.78 9.26 22.72
C LYS C 4 16.24 10.67 22.74
N GLU C 5 16.82 11.51 23.58
CA GLU C 5 16.27 12.87 23.64
C GLU C 5 16.57 13.60 22.33
N LYS C 6 17.69 13.30 21.69
CA LYS C 6 17.99 13.91 20.40
C LYS C 6 16.98 13.46 19.33
N MET C 7 16.67 12.16 19.34
CA MET C 7 15.76 11.60 18.36
C MET C 7 14.44 12.30 18.46
N ILE C 8 13.92 12.33 19.66
CA ILE C 8 12.60 12.87 19.89
C ILE C 8 12.59 14.33 19.58
N ALA C 9 13.68 15.02 19.86
CA ALA C 9 13.74 16.46 19.61
C ALA C 9 13.90 16.82 18.15
N GLY C 10 14.05 15.81 17.28
CA GLY C 10 14.23 16.12 15.89
C GLY C 10 15.66 16.50 15.58
N GLU C 11 16.62 15.94 16.30
CA GLU C 11 17.99 16.23 15.96
C GLU C 11 18.67 14.99 15.50
N LEU C 12 19.86 15.15 14.96
CA LEU C 12 20.64 14.01 14.54
C LEU C 12 20.81 13.05 15.71
N TYR C 13 20.56 11.77 15.48
CA TYR C 13 20.69 10.78 16.51
C TYR C 13 21.20 9.46 15.96
N ARG C 14 21.56 8.56 16.85
CA ARG C 14 22.10 7.28 16.45
C ARG C 14 21.10 6.20 16.87
N SER C 15 20.50 5.55 15.90
CA SER C 15 19.53 4.51 16.22
C SER C 15 20.13 3.34 17.00
N ALA C 16 21.42 3.06 16.83
CA ALA C 16 22.05 1.95 17.53
C ALA C 16 22.28 2.20 19.03
N ASP C 17 21.92 3.38 19.51
CA ASP C 17 21.95 3.66 20.95
C ASP C 17 21.24 2.52 21.67
N GLU C 18 21.83 1.96 22.72
CA GLU C 18 21.26 0.76 23.34
C GLU C 18 19.83 0.97 23.91
N THR C 19 19.54 2.14 24.47
CA THR C 19 18.21 2.45 24.98
C THR C 19 17.17 2.51 23.86
N LEU C 20 17.54 3.09 22.73
CA LEU C 20 16.61 3.16 21.61
C LEU C 20 16.37 1.77 21.01
N SER C 21 17.38 0.93 21.04
CA SER C 21 17.26 -0.41 20.47
C SER C 21 16.38 -1.29 21.31
N ARG C 22 16.45 -1.08 22.63
CA ARG C 22 15.60 -1.81 23.54
C ARG C 22 14.18 -1.35 23.32
N ASP C 23 14.04 -0.06 23.09
CA ASP C 23 12.72 0.52 22.90
C ASP C 23 12.01 -0.05 21.65
N ARG C 24 12.73 -0.16 20.53
CA ARG C 24 12.16 -0.72 19.32
C ARG C 24 11.80 -2.18 19.49
N LEU C 25 12.60 -2.89 20.28
CA LEU C 25 12.32 -4.29 20.51
C LEU C 25 11.01 -4.39 21.28
N ARG C 26 10.87 -3.59 22.34
CA ARG C 26 9.63 -3.62 23.12
C ARG C 26 8.42 -3.35 22.22
N ALA C 27 8.55 -2.34 21.37
CA ALA C 27 7.47 -1.96 20.46
C ALA C 27 7.08 -3.08 19.52
N ARG C 28 8.07 -3.73 18.96
CA ARG C 28 7.83 -4.85 18.07
C ARG C 28 7.08 -5.96 18.82
N GLN C 29 7.51 -6.24 20.04
CA GLN C 29 6.86 -7.22 20.87
C GLN C 29 5.38 -6.88 21.04
N LEU C 30 5.10 -5.64 21.39
CA LEU C 30 3.73 -5.19 21.62
C LEU C 30 2.90 -5.19 20.34
N ILE C 31 3.50 -4.70 19.26
CA ILE C 31 2.84 -4.67 17.95
C ILE C 31 2.47 -6.08 17.50
N HIS C 32 3.43 -6.98 17.64
CA HIS C 32 3.25 -8.39 17.32
C HIS C 32 2.08 -8.99 18.11
N ARG C 33 1.98 -8.65 19.39
CA ARG C 33 0.90 -9.19 20.22
C ARG C 33 -0.41 -8.63 19.74
N TYR C 34 -0.40 -7.33 19.44
CA TYR C 34 -1.59 -6.66 18.97
C TYR C 34 -2.10 -7.28 17.69
N ASN C 35 -1.18 -7.48 16.75
CA ASN C 35 -1.59 -7.93 15.45
C ASN C 35 -2.11 -9.38 15.41
N HIS C 36 -1.68 -10.21 16.36
CA HIS C 36 -2.11 -11.60 16.39
C HIS C 36 -3.25 -11.83 17.38
N SER C 37 -3.67 -10.76 18.03
CA SER C 37 -4.78 -10.84 18.96
C SER C 37 -6.05 -11.21 18.25
N LEU C 38 -6.72 -12.23 18.77
CA LEU C 38 -8.00 -12.65 18.24
C LEU C 38 -8.95 -11.44 18.30
N ALA C 39 -10.19 -11.60 17.84
CA ALA C 39 -11.07 -10.45 17.65
C ALA C 39 -11.77 -9.97 18.92
N GLU C 40 -12.38 -10.91 19.63
CA GLU C 40 -13.07 -10.64 20.87
C GLU C 40 -12.10 -10.30 21.99
N GLU C 41 -10.81 -10.26 21.69
CA GLU C 41 -9.80 -9.99 22.68
C GLU C 41 -9.65 -8.46 22.90
N HIS C 42 -10.79 -7.76 22.93
CA HIS C 42 -10.79 -6.29 23.01
C HIS C 42 -10.03 -5.71 24.21
N THR C 43 -10.01 -6.45 25.33
CA THR C 43 -9.36 -5.97 26.54
C THR C 43 -7.87 -5.93 26.37
N LEU C 44 -7.39 -7.04 25.85
CA LEU C 44 -6.00 -7.21 25.56
C LEU C 44 -5.54 -6.10 24.63
N ARG C 45 -6.32 -5.89 23.59
CA ARG C 45 -5.99 -4.85 22.64
C ARG C 45 -5.91 -3.49 23.29
N GLN C 46 -6.86 -3.18 24.14
CA GLN C 46 -6.86 -1.90 24.81
C GLN C 46 -5.67 -1.75 25.73
N GLN C 47 -5.34 -2.81 26.46
CA GLN C 47 -4.25 -2.75 27.40
C GLN C 47 -2.92 -2.61 26.66
N ILE C 48 -2.80 -3.27 25.52
CA ILE C 48 -1.58 -3.18 24.73
C ILE C 48 -1.37 -1.74 24.21
N LEU C 49 -2.43 -1.17 23.62
CA LEU C 49 -2.38 0.23 23.20
C LEU C 49 -2.06 1.21 24.35
N ALA C 50 -2.58 0.95 25.55
CA ALA C 50 -2.27 1.80 26.71
C ALA C 50 -0.80 1.73 27.06
N ASP C 51 -0.22 0.53 26.92
CA ASP C 51 1.20 0.30 27.17
C ASP C 51 2.12 0.81 26.07
N LEU C 52 1.60 0.88 24.85
CA LEU C 52 2.39 1.24 23.66
C LEU C 52 2.50 2.75 23.40
N PHE C 53 1.37 3.45 23.46
CA PHE C 53 1.36 4.85 23.09
C PHE C 53 1.74 5.82 24.24
N GLY C 54 2.11 7.04 23.86
CA GLY C 54 2.38 8.07 24.84
C GLY C 54 1.07 8.57 25.44
N GLN C 55 0.00 8.49 24.67
CA GLN C 55 -1.28 8.98 25.13
C GLN C 55 -2.36 8.33 24.30
N VAL C 56 -3.34 7.79 24.98
CA VAL C 56 -4.47 7.16 24.33
C VAL C 56 -5.61 7.00 25.33
N THR C 57 -6.83 7.19 24.85
CA THR C 57 -8.00 6.94 25.64
C THR C 57 -8.79 5.91 24.89
N GLU C 58 -9.74 6.35 24.09
CA GLU C 58 -10.54 5.42 23.34
C GLU C 58 -9.81 5.29 22.02
N ALA C 59 -9.59 4.07 21.57
CA ALA C 59 -8.92 3.87 20.30
C ALA C 59 -9.28 2.55 19.72
N TYR C 60 -9.82 2.60 18.52
CA TYR C 60 -10.14 1.40 17.80
C TYR C 60 -9.17 1.34 16.63
N ILE C 61 -8.33 0.32 16.62
CA ILE C 61 -7.32 0.14 15.59
C ILE C 61 -7.32 -1.28 15.04
N GLU C 62 -7.74 -1.41 13.81
CA GLU C 62 -7.77 -2.72 13.18
C GLU C 62 -6.35 -3.17 12.85
N PRO C 63 -6.02 -4.40 13.18
CA PRO C 63 -4.72 -4.93 12.77
C PRO C 63 -4.76 -5.06 11.25
N THR C 64 -3.61 -5.02 10.58
CA THR C 64 -2.34 -4.85 11.27
C THR C 64 -2.02 -3.39 11.42
N PHE C 65 -1.38 -3.08 12.53
CA PHE C 65 -0.93 -1.75 12.84
C PHE C 65 0.60 -1.85 13.03
N ARG C 66 1.29 -0.76 12.81
CA ARG C 66 2.74 -0.76 12.95
C ARG C 66 3.23 0.59 13.40
N CYS C 67 4.17 0.63 14.33
CA CYS C 67 4.82 1.87 14.70
C CYS C 67 6.25 1.54 15.09
N ASP C 68 7.10 2.52 15.32
CA ASP C 68 8.49 2.22 15.67
C ASP C 68 8.79 2.17 17.16
N TYR C 69 8.27 3.14 17.89
CA TYR C 69 8.52 3.27 19.30
C TYR C 69 7.27 3.18 20.17
N GLY C 70 6.16 3.67 19.67
CA GLY C 70 4.93 3.70 20.42
C GLY C 70 4.80 4.93 21.31
N TYR C 71 5.82 5.20 22.12
CA TYR C 71 5.71 6.28 23.07
C TYR C 71 5.71 7.68 22.44
N ASN C 72 6.03 7.79 21.16
CA ASN C 72 5.97 9.08 20.47
C ASN C 72 4.60 9.30 19.81
N ILE C 73 3.68 8.37 19.99
CA ILE C 73 2.33 8.55 19.45
C ILE C 73 1.39 9.03 20.55
N PHE C 74 0.75 10.17 20.31
CA PHE C 74 -0.20 10.77 21.24
C PHE C 74 -1.52 10.94 20.51
N LEU C 75 -2.52 10.21 20.99
CA LEU C 75 -3.80 10.16 20.32
C LEU C 75 -4.88 10.75 21.17
N GLY C 76 -5.69 11.63 20.60
CA GLY C 76 -6.76 12.25 21.35
C GLY C 76 -7.93 11.29 21.48
N ASN C 77 -9.03 11.80 22.01
CA ASN C 77 -10.18 10.95 22.24
C ASN C 77 -10.80 10.33 20.98
N ASN C 78 -11.40 9.16 21.17
CA ASN C 78 -12.21 8.54 20.13
C ASN C 78 -11.45 8.40 18.83
N PHE C 79 -10.26 7.78 18.91
CA PHE C 79 -9.43 7.58 17.74
C PHE C 79 -9.83 6.31 16.99
N PHE C 80 -9.80 6.37 15.66
CA PHE C 80 -10.17 5.25 14.80
C PHE C 80 -9.21 5.08 13.63
N ALA C 81 -8.72 3.86 13.43
CA ALA C 81 -7.91 3.52 12.29
C ALA C 81 -8.28 2.16 11.74
N ASN C 82 -8.57 2.15 10.44
CA ASN C 82 -8.76 0.92 9.72
C ASN C 82 -7.42 0.18 9.59
N PHE C 83 -7.46 -0.98 8.96
CA PHE C 83 -6.30 -1.86 8.82
C PHE C 83 -5.09 -1.30 8.04
N ASP C 84 -3.94 -1.90 8.32
CA ASP C 84 -2.66 -1.55 7.67
C ASP C 84 -2.26 -0.10 7.82
N CYS C 85 -2.67 0.54 8.90
CA CYS C 85 -2.14 1.87 9.18
C CYS C 85 -0.77 1.73 9.81
N VAL C 86 0.04 2.77 9.60
CA VAL C 86 1.44 2.78 9.96
C VAL C 86 1.80 4.17 10.45
N MET C 87 2.40 4.23 11.63
CA MET C 87 2.82 5.48 12.23
C MET C 87 4.25 5.29 12.68
N LEU C 88 5.18 5.74 11.85
CA LEU C 88 6.59 5.54 12.13
C LEU C 88 7.08 6.72 12.92
N ASP C 89 7.11 6.51 14.22
CA ASP C 89 7.24 7.58 15.18
C ASP C 89 8.62 7.77 15.79
N VAL C 90 9.57 8.10 14.94
CA VAL C 90 10.89 8.55 15.39
C VAL C 90 10.70 9.87 16.14
N CYS C 91 9.79 10.72 15.67
CA CYS C 91 9.43 11.96 16.36
C CYS C 91 7.95 11.88 16.72
N PRO C 92 7.48 12.72 17.64
CA PRO C 92 6.07 12.72 18.04
C PRO C 92 5.09 12.87 16.87
N ILE C 93 4.07 12.02 16.93
CA ILE C 93 2.93 12.09 16.04
C ILE C 93 1.81 12.39 17.02
N ARG C 94 1.31 13.63 16.98
CA ARG C 94 0.23 14.10 17.85
C ARG C 94 -1.06 14.24 17.04
N ILE C 95 -2.09 13.55 17.47
CA ILE C 95 -3.33 13.53 16.72
C ILE C 95 -4.43 13.88 17.69
N GLY C 96 -5.29 14.79 17.27
CA GLY C 96 -6.37 15.25 18.11
C GLY C 96 -7.54 14.28 18.23
N ASP C 97 -8.67 14.84 18.65
CA ASP C 97 -9.84 14.05 18.93
C ASP C 97 -10.57 13.71 17.64
N ASN C 98 -11.32 12.61 17.72
CA ASN C 98 -12.23 12.21 16.67
C ASN C 98 -11.57 12.02 15.31
N CYS C 99 -10.35 11.50 15.31
CA CYS C 99 -9.64 11.21 14.07
C CYS C 99 -10.10 9.88 13.45
N MET C 100 -10.23 9.86 12.14
CA MET C 100 -10.59 8.63 11.45
C MET C 100 -9.55 8.40 10.35
N LEU C 101 -8.83 7.30 10.43
CA LEU C 101 -7.89 6.94 9.39
C LEU C 101 -8.47 5.75 8.65
N ALA C 102 -8.60 5.85 7.33
CA ALA C 102 -9.07 4.75 6.53
C ALA C 102 -7.90 3.74 6.39
N PRO C 103 -8.08 2.70 5.61
CA PRO C 103 -7.04 1.68 5.48
C PRO C 103 -5.72 2.16 4.91
N GLY C 104 -4.64 1.66 5.46
CA GLY C 104 -3.34 1.82 4.88
C GLY C 104 -2.78 3.24 4.86
N VAL C 105 -3.23 4.04 5.80
CA VAL C 105 -2.68 5.35 5.95
C VAL C 105 -1.28 5.17 6.53
N HIS C 106 -0.34 5.89 5.97
CA HIS C 106 1.01 5.96 6.47
C HIS C 106 1.37 7.39 6.96
N ILE C 107 1.82 7.50 8.22
CA ILE C 107 2.35 8.74 8.75
C ILE C 107 3.80 8.47 9.03
N TYR C 108 4.68 9.24 8.43
CA TYR C 108 6.11 9.11 8.62
C TYR C 108 6.71 10.30 9.35
N THR C 109 7.83 10.08 10.07
CA THR C 109 8.58 11.16 10.68
C THR C 109 10.08 11.10 10.39
N ALA C 110 10.60 9.94 10.03
CA ALA C 110 12.01 9.84 9.71
C ALA C 110 12.33 10.50 8.37
N THR C 111 13.50 11.08 8.27
CA THR C 111 13.92 11.60 7.02
C THR C 111 15.44 11.45 6.86
N HIS C 112 15.95 11.84 5.71
CA HIS C 112 17.36 11.79 5.42
C HIS C 112 17.70 13.05 4.73
N PRO C 113 18.96 13.44 4.85
CA PRO C 113 19.47 14.56 4.07
C PRO C 113 19.36 14.20 2.60
N ILE C 114 19.15 15.19 1.75
CA ILE C 114 19.02 14.90 0.33
C ILE C 114 20.39 14.73 -0.30
N ASP C 115 21.42 15.30 0.33
CA ASP C 115 22.78 15.15 -0.19
C ASP C 115 23.22 13.70 0.02
N PRO C 116 23.73 13.08 -1.01
CA PRO C 116 24.07 11.65 -0.91
C PRO C 116 25.23 11.36 0.06
N VAL C 117 26.26 12.21 0.08
CA VAL C 117 27.38 11.98 0.99
C VAL C 117 26.87 11.99 2.40
N ALA C 118 26.11 13.03 2.74
CA ALA C 118 25.51 13.19 4.05
C ALA C 118 24.58 12.01 4.37
N ARG C 119 23.78 11.60 3.38
CA ARG C 119 22.82 10.51 3.59
C ARG C 119 23.55 9.20 3.86
N ASN C 120 24.59 8.92 3.07
CA ASN C 120 25.31 7.68 3.23
C ASN C 120 26.24 7.72 4.45
N SER C 121 26.22 8.84 5.19
CA SER C 121 27.11 9.02 6.34
C SER C 121 26.57 8.39 7.63
N GLY C 122 25.34 7.87 7.61
CA GLY C 122 24.77 7.31 8.82
C GLY C 122 23.99 8.32 9.66
N ALA C 123 23.69 9.45 9.05
CA ALA C 123 22.95 10.53 9.70
C ALA C 123 21.51 10.09 9.88
N GLU C 124 21.02 10.06 11.12
CA GLU C 124 19.63 9.68 11.39
C GLU C 124 18.85 10.85 12.01
N LEU C 125 17.67 11.15 11.45
CA LEU C 125 16.89 12.31 11.87
C LEU C 125 15.41 12.18 11.56
N GLY C 126 14.56 12.83 12.34
CA GLY C 126 13.12 12.86 12.07
C GLY C 126 12.49 14.24 12.29
N LYS C 127 11.22 14.39 11.89
CA LYS C 127 10.48 15.63 12.11
C LYS C 127 9.10 15.27 12.60
N PRO C 128 8.56 16.00 13.58
CA PRO C 128 7.27 15.65 14.15
C PRO C 128 6.12 15.85 13.20
N VAL C 129 5.05 15.12 13.44
CA VAL C 129 3.82 15.32 12.70
C VAL C 129 2.71 15.62 13.71
N THR C 130 1.93 16.65 13.42
CA THR C 130 0.81 17.06 14.26
C THR C 130 -0.44 17.11 13.44
N ILE C 131 -1.51 16.51 13.93
CA ILE C 131 -2.79 16.47 13.26
C ILE C 131 -3.87 16.93 14.22
N GLY C 132 -4.78 17.77 13.74
CA GLY C 132 -5.83 18.34 14.57
C GLY C 132 -7.03 17.48 14.91
N ASN C 133 -8.09 18.14 15.37
CA ASN C 133 -9.31 17.45 15.76
C ASN C 133 -10.20 17.28 14.56
N ASN C 134 -11.01 16.22 14.60
CA ASN C 134 -11.98 15.95 13.55
C ASN C 134 -11.39 15.81 12.15
N VAL C 135 -10.23 15.15 12.05
CA VAL C 135 -9.58 14.97 10.76
C VAL C 135 -9.87 13.58 10.23
N TRP C 136 -10.27 13.52 8.99
CA TRP C 136 -10.56 12.26 8.35
C TRP C 136 -9.53 12.11 7.23
N ILE C 137 -8.76 11.03 7.29
CA ILE C 137 -7.72 10.77 6.33
C ILE C 137 -8.08 9.53 5.54
N GLY C 138 -8.22 9.71 4.22
CA GLY C 138 -8.65 8.67 3.32
C GLY C 138 -7.64 7.57 3.04
N GLY C 139 -8.13 6.50 2.43
CA GLY C 139 -7.36 5.29 2.19
C GLY C 139 -6.04 5.50 1.47
N ARG C 140 -4.97 4.97 2.03
CA ARG C 140 -3.65 5.04 1.43
C ARG C 140 -3.00 6.39 1.32
N ALA C 141 -3.44 7.35 2.11
CA ALA C 141 -2.78 8.61 2.13
C ALA C 141 -1.47 8.41 2.84
N VAL C 142 -0.59 9.37 2.57
CA VAL C 142 0.71 9.46 3.16
C VAL C 142 0.84 10.84 3.77
N ILE C 143 1.16 10.88 5.06
CA ILE C 143 1.43 12.11 5.74
C ILE C 143 2.94 12.18 6.01
N ASN C 144 3.62 13.15 5.43
CA ASN C 144 5.09 13.22 5.54
C ASN C 144 5.57 13.90 6.78
N PRO C 145 6.85 13.74 7.06
CA PRO C 145 7.44 14.31 8.26
C PRO C 145 7.32 15.82 8.30
N GLY C 146 7.08 16.41 9.47
CA GLY C 146 7.11 17.86 9.62
C GLY C 146 5.81 18.54 9.29
N VAL C 147 4.82 17.77 8.90
CA VAL C 147 3.58 18.34 8.48
C VAL C 147 2.66 18.59 9.65
N THR C 148 1.91 19.68 9.56
CA THR C 148 0.86 19.97 10.52
C THR C 148 -0.45 20.09 9.78
N ILE C 149 -1.43 19.32 10.21
CA ILE C 149 -2.75 19.36 9.64
C ILE C 149 -3.69 20.01 10.64
N GLY C 150 -4.46 21.00 10.20
CA GLY C 150 -5.35 21.68 11.12
C GLY C 150 -6.63 20.91 11.45
N ASP C 151 -7.58 21.58 12.10
CA ASP C 151 -8.83 20.93 12.51
C ASP C 151 -9.85 20.80 11.40
N ASN C 152 -10.69 19.78 11.47
CA ASN C 152 -11.77 19.61 10.50
C ASN C 152 -11.27 19.41 9.07
N VAL C 153 -10.18 18.70 8.94
CA VAL C 153 -9.63 18.50 7.63
C VAL C 153 -10.01 17.13 7.11
N VAL C 154 -10.31 17.10 5.81
CA VAL C 154 -10.53 15.87 5.10
C VAL C 154 -9.36 15.74 4.14
N VAL C 155 -8.65 14.60 4.25
CA VAL C 155 -7.58 14.24 3.36
C VAL C 155 -8.07 13.11 2.46
N ALA C 156 -8.16 13.38 1.18
CA ALA C 156 -8.66 12.39 0.23
C ALA C 156 -7.78 11.17 0.17
N SER C 157 -8.44 10.08 -0.17
CA SER C 157 -7.74 8.85 -0.38
C SER C 157 -6.58 9.06 -1.36
N GLY C 158 -5.48 8.42 -1.06
CA GLY C 158 -4.29 8.46 -1.86
C GLY C 158 -3.55 9.79 -1.84
N ALA C 159 -3.99 10.72 -1.04
CA ALA C 159 -3.33 12.00 -1.02
C ALA C 159 -1.91 11.86 -0.42
N VAL C 160 -0.96 12.64 -0.91
CA VAL C 160 0.37 12.64 -0.35
C VAL C 160 0.60 14.04 0.17
N VAL C 161 0.60 14.17 1.48
CA VAL C 161 0.68 15.48 2.14
C VAL C 161 2.12 15.81 2.46
N THR C 162 2.63 16.85 1.82
CA THR C 162 4.01 17.30 2.04
C THR C 162 4.11 18.65 2.76
N LYS C 163 3.00 19.36 2.94
CA LYS C 163 3.07 20.72 3.55
C LYS C 163 1.93 20.85 4.52
N ASP C 164 1.93 21.91 5.32
CA ASP C 164 0.86 22.11 6.27
C ASP C 164 -0.46 22.25 5.55
N VAL C 165 -1.52 21.81 6.20
CA VAL C 165 -2.88 21.93 5.71
C VAL C 165 -3.60 22.78 6.75
N PRO C 166 -4.22 23.89 6.34
CA PRO C 166 -4.93 24.74 7.31
C PRO C 166 -6.26 24.14 7.72
N ASP C 167 -6.92 24.77 8.67
CA ASP C 167 -8.22 24.31 9.15
C ASP C 167 -9.27 24.29 8.02
N ASN C 168 -10.22 23.39 8.15
CA ASN C 168 -11.46 23.46 7.37
C ASN C 168 -11.36 23.36 5.88
N VAL C 169 -10.54 22.45 5.41
CA VAL C 169 -10.44 22.21 3.98
C VAL C 169 -10.42 20.72 3.66
N VAL C 170 -10.73 20.41 2.43
CA VAL C 170 -10.51 19.08 1.88
C VAL C 170 -9.29 19.21 1.02
N VAL C 171 -8.29 18.35 1.24
CA VAL C 171 -7.11 18.29 0.37
C VAL C 171 -7.00 16.92 -0.30
N GLY C 172 -6.35 16.91 -1.45
CA GLY C 172 -6.23 15.71 -2.25
C GLY C 172 -5.19 15.90 -3.31
N GLY C 173 -4.71 14.79 -3.86
CA GLY C 173 -3.69 14.84 -4.89
C GLY C 173 -2.31 14.50 -4.38
N ASN C 174 -1.39 14.33 -5.32
CA ASN C 174 0.00 14.16 -4.98
C ASN C 174 0.81 15.00 -5.91
N PRO C 175 1.32 16.13 -5.45
CA PRO C 175 1.18 16.60 -4.08
C PRO C 175 -0.23 17.05 -3.74
N ALA C 176 -0.56 16.98 -2.46
CA ALA C 176 -1.88 17.31 -1.99
C ALA C 176 -2.12 18.81 -2.07
N ARG C 177 -3.27 19.20 -2.61
CA ARG C 177 -3.65 20.60 -2.77
C ARG C 177 -5.06 20.78 -2.17
N ILE C 178 -5.43 22.02 -1.85
CA ILE C 178 -6.79 22.33 -1.40
C ILE C 178 -7.80 22.14 -2.54
N ILE C 179 -8.78 21.27 -2.28
CA ILE C 179 -9.82 20.93 -3.24
C ILE C 179 -11.07 21.75 -2.99
N LYS C 180 -11.41 21.92 -1.73
CA LYS C 180 -12.47 22.86 -1.41
C LYS C 180 -12.37 23.28 0.04
N LYS C 181 -12.88 24.48 0.31
CA LYS C 181 -13.02 24.96 1.65
C LYS C 181 -14.17 24.21 2.30
N LEU C 182 -14.10 24.01 3.60
CA LEU C 182 -15.19 23.38 4.31
C LEU C 182 -16.32 24.36 4.54
PB PBM D . -37.62 -5.74 3.32
C1 PBM D . -37.37 -3.65 2.70
C2 PBM D . -36.62 -6.55 5.09
C3 PBM D . -38.92 -7.05 2.10
PB PBM E . -14.75 4.96 7.13
C1 PBM E . -14.23 4.54 5.03
C2 PBM E . -12.93 5.45 8.26
C3 PBM E . -15.71 3.19 8.01
PB PBM F . 18.72 -20.99 -25.52
C1 PBM F . 20.71 -21.50 -24.76
C2 PBM F . 17.00 -22.20 -24.88
C3 PBM F . 18.54 -19.28 -26.88
PB PBM G . -0.32 -8.39 -15.13
C1 PBM G . -1.91 -9.32 -13.93
C2 PBM G . 1.29 -9.84 -15.49
C3 PBM G . 0.49 -6.62 -14.08
PB PBM H . 15.16 5.69 6.03
C1 PBM H . 14.36 4.06 4.78
C2 PBM H . 16.16 4.83 7.79
C3 PBM H . 13.53 7.00 6.68
#